data_5WDD
#
_entry.id   5WDD
#
_cell.length_a   41.559
_cell.length_b   59.620
_cell.length_c   64.083
_cell.angle_alpha   90.00
_cell.angle_beta   96.26
_cell.angle_gamma   90.00
#
_symmetry.space_group_name_H-M   'P 1 21 1'
#
loop_
_entity.id
_entity.type
_entity.pdbx_description
1 polymer 'Bcl-2-related ovarian killer protein'
2 non-polymer 1,2-ETHANEDIOL
3 water water
#
_entity_poly.entity_id   1
_entity_poly.type   'polypeptide(L)'
_entity_poly.pdbx_seq_one_letter_code
;GPLGSDRSPTDKELVSQAKALCRDYINSRLIRAGVSWSKPEHNTPVPGGKLAEVSAILLRLGDELEYIRPNVYRNIARQL
NISLHSETVVTDAFLAVAAQIFTAGITWGKVVSLYAVAAGLAVDCVRHAQPAMVHTIVDCLGEFVRKTLVTWLKRRGGWA
DITKCVVS
;
_entity_poly.pdbx_strand_id   A,B
#
# COMPACT_ATOMS: atom_id res chain seq x y z
N SER A 8 -14.72 5.18 28.30
CA SER A 8 -15.41 6.47 28.26
C SER A 8 -14.42 7.61 27.99
N PRO A 9 -13.93 7.69 26.75
CA PRO A 9 -12.89 8.67 26.44
C PRO A 9 -13.38 10.11 26.55
N THR A 10 -12.44 11.00 26.83
CA THR A 10 -12.71 12.43 26.84
C THR A 10 -12.59 13.00 25.44
N ASP A 11 -13.13 14.21 25.25
CA ASP A 11 -13.05 14.89 23.97
C ASP A 11 -11.60 15.10 23.54
N LYS A 12 -10.74 15.50 24.47
CA LYS A 12 -9.34 15.72 24.14
C LYS A 12 -8.69 14.44 23.61
N GLU A 13 -8.90 13.32 24.29
CA GLU A 13 -8.32 12.06 23.84
C GLU A 13 -8.88 11.66 22.48
N LEU A 14 -10.21 11.79 22.30
CA LEU A 14 -10.81 11.45 21.02
C LEU A 14 -10.19 12.25 19.88
N VAL A 15 -9.91 13.53 20.10
CA VAL A 15 -9.32 14.33 19.04
C VAL A 15 -7.86 13.94 18.83
N SER A 16 -7.13 13.66 19.91
N SER A 16 -7.12 13.67 19.91
CA SER A 16 -5.75 13.23 19.78
CA SER A 16 -5.74 13.22 19.78
C SER A 16 -5.66 11.91 19.03
C SER A 16 -5.67 11.91 19.01
N GLN A 17 -6.55 10.98 19.33
CA GLN A 17 -6.58 9.70 18.60
C GLN A 17 -7.00 9.91 17.16
N ALA A 18 -7.94 10.83 16.91
CA ALA A 18 -8.36 11.11 15.54
C ALA A 18 -7.18 11.54 14.68
N LYS A 19 -6.31 12.42 15.23
CA LYS A 19 -5.15 12.87 14.47
C LYS A 19 -4.08 11.78 14.35
N ALA A 20 -3.87 10.98 15.40
CA ALA A 20 -2.91 9.89 15.30
C ALA A 20 -3.36 8.83 14.29
N LEU A 21 -4.67 8.54 14.23
CA LEU A 21 -5.21 7.61 13.25
C LEU A 21 -5.06 8.17 11.84
N CYS A 22 -5.22 9.48 11.70
CA CYS A 22 -5.03 10.13 10.41
C CYS A 22 -3.59 9.97 9.94
N ARG A 23 -2.63 10.31 10.81
CA ARG A 23 -1.22 10.20 10.46
C ARG A 23 -0.87 8.79 10.02
N ASP A 24 -1.42 7.78 10.73
CA ASP A 24 -1.10 6.38 10.43
C ASP A 24 -1.69 5.95 9.10
N TYR A 25 -2.94 6.35 8.86
CA TYR A 25 -3.62 6.03 7.60
C TYR A 25 -2.91 6.67 6.43
N ILE A 26 -2.57 7.96 6.58
CA ILE A 26 -1.81 8.66 5.55
C ILE A 26 -0.46 7.98 5.31
N ASN A 27 0.24 7.63 6.40
CA ASN A 27 1.55 6.99 6.25
C ASN A 27 1.42 5.68 5.47
N SER A 28 0.40 4.87 5.76
CA SER A 28 0.17 3.66 5.01
C SER A 28 -0.05 3.93 3.53
N ARG A 29 -0.84 4.96 3.21
CA ARG A 29 -1.16 5.27 1.81
C ARG A 29 0.06 5.80 1.08
N LEU A 30 0.83 6.70 1.69
CA LEU A 30 2.04 7.22 1.05
C LEU A 30 3.02 6.09 0.76
N ILE A 31 3.23 5.22 1.74
CA ILE A 31 4.15 4.11 1.50
C ILE A 31 3.65 3.24 0.36
N ARG A 32 2.34 3.03 0.28
CA ARG A 32 1.80 2.14 -0.75
C ARG A 32 1.82 2.80 -2.12
N ALA A 33 1.58 4.11 -2.17
CA ALA A 33 1.63 4.88 -3.40
C ALA A 33 3.06 5.03 -3.94
N GLY A 34 4.06 4.67 -3.14
CA GLY A 34 5.43 4.72 -3.60
C GLY A 34 6.08 6.09 -3.54
N VAL A 35 5.56 7.01 -2.72
CA VAL A 35 6.09 8.37 -2.66
C VAL A 35 6.58 8.72 -1.25
N SER A 36 6.75 7.73 -0.37
CA SER A 36 7.19 7.95 1.00
C SER A 36 8.70 7.73 1.08
N TRP A 37 9.46 8.75 0.67
CA TRP A 37 10.91 8.62 0.58
C TRP A 37 11.63 8.97 1.88
N SER A 38 10.89 9.36 2.91
CA SER A 38 11.48 9.63 4.23
C SER A 38 11.85 8.33 4.96
N GLY A 49 -1.95 -1.74 20.52
CA GLY A 49 -3.03 -2.70 20.72
C GLY A 49 -4.32 -2.30 20.02
N LYS A 50 -5.29 -1.83 20.79
CA LYS A 50 -6.56 -1.41 20.21
C LYS A 50 -6.35 -0.38 19.10
N LEU A 51 -5.42 0.56 19.31
CA LEU A 51 -5.16 1.58 18.31
C LEU A 51 -4.73 0.95 16.98
N ALA A 52 -3.81 -0.02 17.03
CA ALA A 52 -3.38 -0.67 15.81
C ALA A 52 -4.54 -1.42 15.15
N GLU A 53 -5.39 -2.05 15.95
CA GLU A 53 -6.60 -2.69 15.41
C GLU A 53 -7.45 -1.68 14.65
N VAL A 54 -7.68 -0.50 15.24
CA VAL A 54 -8.52 0.50 14.57
C VAL A 54 -7.89 0.94 13.27
N SER A 55 -6.56 1.21 13.28
CA SER A 55 -5.87 1.63 12.06
C SER A 55 -6.04 0.60 10.95
N ALA A 56 -5.95 -0.70 11.28
CA ALA A 56 -6.09 -1.73 10.26
C ALA A 56 -7.51 -1.77 9.69
N ILE A 57 -8.51 -1.59 10.55
CA ILE A 57 -9.90 -1.52 10.08
C ILE A 57 -10.10 -0.31 9.18
N LEU A 58 -9.60 0.86 9.62
CA LEU A 58 -9.72 2.08 8.83
C LEU A 58 -9.10 1.90 7.45
N LEU A 59 -7.91 1.34 7.38
CA LEU A 59 -7.27 1.15 6.09
C LEU A 59 -8.10 0.20 5.23
N ARG A 60 -8.55 -0.90 5.84
CA ARG A 60 -9.42 -1.86 5.16
C ARG A 60 -10.69 -1.20 4.62
N LEU A 61 -11.41 -0.45 5.47
CA LEU A 61 -12.66 0.15 5.01
C LEU A 61 -12.39 1.24 3.98
N GLY A 62 -11.34 2.04 4.19
CA GLY A 62 -10.96 3.02 3.19
C GLY A 62 -10.67 2.37 1.85
N ASP A 63 -9.85 1.31 1.86
CA ASP A 63 -9.56 0.60 0.62
C ASP A 63 -10.80 0.05 -0.05
N GLU A 64 -11.73 -0.51 0.74
CA GLU A 64 -12.98 -0.97 0.18
C GLU A 64 -13.76 0.16 -0.45
N LEU A 65 -13.73 1.34 0.18
CA LEU A 65 -14.38 2.49 -0.41
C LEU A 65 -13.78 2.83 -1.77
N GLU A 66 -12.44 2.94 -1.84
CA GLU A 66 -11.79 3.20 -3.11
C GLU A 66 -12.03 2.08 -4.12
N TYR A 67 -12.20 0.85 -3.65
CA TYR A 67 -12.43 -0.26 -4.58
C TYR A 67 -13.79 -0.14 -5.25
N ILE A 68 -14.82 0.19 -4.48
CA ILE A 68 -16.21 0.24 -4.96
C ILE A 68 -16.51 1.56 -5.66
N ARG A 69 -15.93 2.67 -5.19
CA ARG A 69 -16.20 4.00 -5.75
C ARG A 69 -14.91 4.66 -6.21
N PRO A 70 -14.23 4.06 -7.19
CA PRO A 70 -12.93 4.61 -7.61
C PRO A 70 -13.05 5.97 -8.25
N ASN A 71 -14.14 6.24 -8.96
CA ASN A 71 -14.30 7.54 -9.60
C ASN A 71 -14.43 8.69 -8.61
N VAL A 72 -14.66 8.41 -7.33
CA VAL A 72 -14.86 9.45 -6.33
C VAL A 72 -13.70 9.52 -5.35
N TYR A 73 -13.15 8.36 -4.96
CA TYR A 73 -12.12 8.32 -3.93
C TYR A 73 -10.73 8.06 -4.48
N ARG A 74 -10.61 7.46 -5.66
CA ARG A 74 -9.33 7.45 -6.37
C ARG A 74 -9.19 8.75 -7.14
N ASN A 75 -7.99 9.33 -7.10
CA ASN A 75 -7.72 10.59 -7.79
C ASN A 75 -8.56 11.71 -7.19
N ILE A 76 -8.46 11.85 -5.86
CA ILE A 76 -9.22 12.89 -5.16
C ILE A 76 -8.93 14.27 -5.76
N ALA A 77 -7.66 14.55 -6.07
CA ALA A 77 -7.28 15.90 -6.49
C ALA A 77 -7.97 16.29 -7.80
N ARG A 78 -8.10 15.33 -8.72
CA ARG A 78 -8.79 15.60 -9.97
C ARG A 78 -10.29 15.77 -9.76
N GLN A 79 -10.89 14.92 -8.92
CA GLN A 79 -12.30 15.06 -8.60
C GLN A 79 -12.62 16.47 -8.15
N LEU A 80 -11.84 17.00 -7.21
CA LEU A 80 -12.05 18.35 -6.69
C LEU A 80 -11.46 19.43 -7.58
N ASN A 81 -10.79 19.07 -8.68
CA ASN A 81 -10.28 20.06 -9.62
C ASN A 81 -9.20 20.94 -8.99
N ILE A 82 -8.26 20.30 -8.30
CA ILE A 82 -7.17 21.01 -7.62
C ILE A 82 -6.01 21.19 -8.60
N SER A 83 -5.67 22.43 -8.88
CA SER A 83 -4.54 22.76 -9.75
C SER A 83 -3.27 23.08 -8.96
N LEU A 84 -3.31 24.14 -8.16
CA LEU A 84 -2.21 24.47 -7.26
C LEU A 84 -2.40 23.72 -5.95
N HIS A 85 -1.31 23.19 -5.42
CA HIS A 85 -1.30 22.57 -4.10
C HIS A 85 -0.83 23.55 -3.02
N SER A 86 -1.47 24.71 -2.98
CA SER A 86 -1.20 25.72 -1.97
C SER A 86 -1.98 25.42 -0.69
N GLU A 87 -1.58 26.07 0.40
CA GLU A 87 -2.16 25.73 1.69
C GLU A 87 -3.64 26.14 1.75
N THR A 88 -3.99 27.32 1.23
CA THR A 88 -5.41 27.73 1.23
C THR A 88 -6.25 26.87 0.30
N VAL A 89 -5.70 26.41 -0.82
CA VAL A 89 -6.50 25.62 -1.75
C VAL A 89 -6.80 24.25 -1.15
N VAL A 90 -5.78 23.61 -0.59
CA VAL A 90 -5.96 22.28 -0.03
C VAL A 90 -6.88 22.33 1.19
N THR A 91 -6.70 23.33 2.05
CA THR A 91 -7.49 23.46 3.27
C THR A 91 -8.95 23.74 2.96
N ASP A 92 -9.20 24.65 2.00
CA ASP A 92 -10.57 24.93 1.57
C ASP A 92 -11.17 23.73 0.86
N ALA A 93 -10.38 23.00 0.05
CA ALA A 93 -10.91 21.80 -0.60
C ALA A 93 -11.29 20.74 0.43
N PHE A 94 -10.41 20.50 1.40
CA PHE A 94 -10.72 19.51 2.42
C PHE A 94 -11.96 19.91 3.20
N LEU A 95 -11.99 21.16 3.70
CA LEU A 95 -13.11 21.57 4.52
C LEU A 95 -14.42 21.52 3.75
N ALA A 96 -14.40 21.93 2.47
CA ALA A 96 -15.66 22.01 1.74
C ALA A 96 -16.24 20.62 1.51
N VAL A 97 -15.37 19.64 1.28
CA VAL A 97 -15.82 18.25 1.15
C VAL A 97 -16.25 17.70 2.50
N ALA A 98 -15.46 17.95 3.54
CA ALA A 98 -15.85 17.47 4.85
C ALA A 98 -17.23 18.00 5.25
N ALA A 99 -17.52 19.27 4.95
CA ALA A 99 -18.84 19.81 5.32
C ALA A 99 -19.96 19.08 4.58
N GLN A 100 -19.74 18.73 3.31
CA GLN A 100 -20.80 18.04 2.57
C GLN A 100 -20.95 16.59 3.00
N ILE A 101 -19.89 15.96 3.50
CA ILE A 101 -19.97 14.54 3.84
C ILE A 101 -20.98 14.30 4.94
N PHE A 102 -21.04 15.19 5.93
CA PHE A 102 -21.81 14.95 7.14
C PHE A 102 -23.12 15.73 7.21
N THR A 103 -23.42 16.55 6.21
CA THR A 103 -24.58 17.41 6.29
C THR A 103 -25.86 16.64 6.60
N ALA A 104 -25.90 15.35 6.27
CA ALA A 104 -27.11 14.55 6.44
C ALA A 104 -26.99 13.53 7.57
N GLY A 105 -26.03 13.69 8.46
CA GLY A 105 -25.86 12.79 9.58
C GLY A 105 -24.49 12.14 9.57
N ILE A 106 -24.16 11.54 10.72
CA ILE A 106 -22.86 10.89 10.90
C ILE A 106 -23.07 9.37 10.92
N THR A 107 -22.20 8.65 10.21
CA THR A 107 -22.09 7.19 10.26
C THR A 107 -20.62 6.82 10.20
N TRP A 108 -20.28 5.59 10.58
CA TRP A 108 -18.87 5.19 10.51
C TRP A 108 -18.36 5.21 9.08
N GLY A 109 -19.22 4.85 8.13
CA GLY A 109 -18.82 4.91 6.72
C GLY A 109 -18.47 6.32 6.29
N LYS A 110 -19.21 7.31 6.79
CA LYS A 110 -18.90 8.69 6.43
C LYS A 110 -17.59 9.15 7.05
N VAL A 111 -17.30 8.70 8.26
CA VAL A 111 -16.03 9.02 8.88
C VAL A 111 -14.90 8.44 8.05
N VAL A 112 -15.08 7.20 7.61
CA VAL A 112 -14.07 6.56 6.75
C VAL A 112 -13.86 7.39 5.50
N SER A 113 -14.95 7.87 4.90
CA SER A 113 -14.81 8.68 3.69
C SER A 113 -14.02 9.96 3.99
N LEU A 114 -14.20 10.53 5.20
CA LEU A 114 -13.44 11.72 5.54
C LEU A 114 -11.94 11.44 5.54
N TYR A 115 -11.54 10.32 6.15
CA TYR A 115 -10.13 9.95 6.16
C TYR A 115 -9.62 9.67 4.77
N ALA A 116 -10.45 9.05 3.93
CA ALA A 116 -10.04 8.70 2.57
C ALA A 116 -9.79 9.94 1.73
N VAL A 117 -10.59 10.99 1.93
CA VAL A 117 -10.39 12.28 1.27
C VAL A 117 -9.10 12.95 1.76
N ALA A 118 -8.90 12.97 3.08
CA ALA A 118 -7.68 13.53 3.64
C ALA A 118 -6.45 12.83 3.08
N ALA A 119 -6.47 11.50 2.98
CA ALA A 119 -5.28 10.80 2.51
C ALA A 119 -5.08 11.01 1.02
N GLY A 120 -6.16 10.99 0.23
CA GLY A 120 -6.03 11.28 -1.19
C GLY A 120 -5.40 12.64 -1.45
N LEU A 121 -5.84 13.65 -0.72
CA LEU A 121 -5.20 14.97 -0.79
C LEU A 121 -3.73 14.91 -0.37
N ALA A 122 -3.42 14.21 0.72
CA ALA A 122 -2.05 14.19 1.21
C ALA A 122 -1.11 13.50 0.23
N VAL A 123 -1.56 12.41 -0.38
CA VAL A 123 -0.76 11.73 -1.40
C VAL A 123 -0.48 12.68 -2.56
N ASP A 124 -1.48 13.45 -2.97
CA ASP A 124 -1.27 14.35 -4.09
C ASP A 124 -0.31 15.47 -3.73
N CYS A 125 -0.43 16.01 -2.51
CA CYS A 125 0.53 17.01 -2.06
C CYS A 125 1.95 16.45 -2.08
N VAL A 126 2.14 15.22 -1.60
CA VAL A 126 3.50 14.70 -1.50
C VAL A 126 4.10 14.48 -2.88
N ARG A 127 3.29 14.03 -3.83
CA ARG A 127 3.79 13.82 -5.19
C ARG A 127 4.17 15.12 -5.86
N HIS A 128 3.62 16.24 -5.41
CA HIS A 128 3.83 17.55 -6.03
C HIS A 128 4.72 18.44 -5.16
N ALA A 129 5.73 17.85 -4.53
CA ALA A 129 6.71 18.56 -3.73
C ALA A 129 6.06 19.43 -2.65
N GLN A 130 4.90 19.00 -2.12
CA GLN A 130 4.29 19.73 -1.02
C GLN A 130 4.10 18.84 0.21
N PRO A 131 5.11 18.08 0.63
CA PRO A 131 4.90 17.18 1.79
C PRO A 131 4.60 17.94 3.07
N ALA A 132 5.03 19.20 3.15
CA ALA A 132 4.69 20.02 4.31
C ALA A 132 3.19 20.11 4.50
N MET A 133 2.42 19.97 3.41
CA MET A 133 0.95 20.06 3.47
C MET A 133 0.32 18.97 4.33
N VAL A 134 1.00 17.86 4.55
CA VAL A 134 0.36 16.76 5.26
C VAL A 134 0.06 17.15 6.70
N HIS A 135 0.97 17.89 7.33
CA HIS A 135 0.74 18.42 8.66
C HIS A 135 -0.52 19.29 8.70
N THR A 136 -0.75 20.07 7.64
CA THR A 136 -1.90 20.95 7.60
C THR A 136 -3.19 20.16 7.47
N ILE A 137 -3.18 19.12 6.61
CA ILE A 137 -4.35 18.27 6.42
C ILE A 137 -4.72 17.60 7.74
N VAL A 138 -3.71 17.09 8.45
CA VAL A 138 -3.97 16.42 9.71
C VAL A 138 -4.58 17.38 10.71
N ASP A 139 -4.03 18.60 10.78
CA ASP A 139 -4.58 19.60 11.70
C ASP A 139 -6.01 19.98 11.32
N CYS A 140 -6.30 20.05 10.01
CA CYS A 140 -7.66 20.42 9.60
C CYS A 140 -8.65 19.33 9.96
N LEU A 141 -8.30 18.07 9.71
CA LEU A 141 -9.16 16.96 10.11
C LEU A 141 -9.33 16.94 11.62
N GLY A 142 -8.24 17.19 12.36
CA GLY A 142 -8.33 17.25 13.81
C GLY A 142 -9.34 18.29 14.29
N GLU A 143 -9.29 19.50 13.74
CA GLU A 143 -10.21 20.55 14.18
C GLU A 143 -11.63 20.27 13.70
N PHE A 144 -11.79 19.70 12.50
CA PHE A 144 -13.13 19.36 12.02
C PHE A 144 -13.78 18.31 12.91
N VAL A 145 -13.03 17.25 13.26
CA VAL A 145 -13.54 16.26 14.21
C VAL A 145 -13.93 16.92 15.52
N ARG A 146 -13.03 17.75 16.06
N ARG A 146 -13.03 17.74 16.08
CA ARG A 146 -13.28 18.37 17.36
CA ARG A 146 -13.30 18.35 17.37
C ARG A 146 -14.59 19.14 17.39
C ARG A 146 -14.63 19.08 17.37
N LYS A 147 -14.96 19.77 16.27
CA LYS A 147 -16.13 20.66 16.25
C LYS A 147 -17.39 20.02 15.68
N THR A 148 -17.26 18.93 14.94
CA THR A 148 -18.39 18.33 14.22
C THR A 148 -18.78 16.96 14.74
N LEU A 149 -17.81 16.15 15.17
CA LEU A 149 -18.02 14.71 15.33
C LEU A 149 -17.84 14.20 16.74
N VAL A 150 -17.20 14.98 17.63
CA VAL A 150 -16.67 14.41 18.86
C VAL A 150 -17.77 13.85 19.74
N THR A 151 -18.91 14.54 19.81
CA THR A 151 -19.99 14.03 20.66
C THR A 151 -20.56 12.72 20.12
N TRP A 152 -20.57 12.55 18.81
CA TRP A 152 -21.05 11.30 18.22
C TRP A 152 -20.10 10.15 18.54
N LEU A 153 -18.79 10.40 18.45
CA LEU A 153 -17.80 9.40 18.79
C LEU A 153 -17.93 8.94 20.24
N LYS A 154 -18.17 9.86 21.15
CA LYS A 154 -18.28 9.48 22.55
C LYS A 154 -19.55 8.67 22.82
N ARG A 155 -20.62 8.93 22.06
CA ARG A 155 -21.83 8.11 22.19
C ARG A 155 -21.60 6.70 21.67
N ARG A 156 -20.72 6.53 20.67
CA ARG A 156 -20.38 5.20 20.15
C ARG A 156 -19.45 4.43 21.08
N GLY A 157 -18.91 5.05 22.12
CA GLY A 157 -17.89 4.46 22.95
C GLY A 157 -16.47 4.79 22.52
N GLY A 158 -16.29 5.55 21.46
CA GLY A 158 -14.97 5.95 21.01
C GLY A 158 -14.54 5.24 19.74
N TRP A 159 -13.25 5.40 19.41
CA TRP A 159 -12.74 4.85 18.16
C TRP A 159 -12.79 3.32 18.15
N ALA A 160 -12.68 2.68 19.31
CA ALA A 160 -12.74 1.23 19.37
C ALA A 160 -14.05 0.68 18.81
N ASP A 161 -15.11 1.50 18.74
CA ASP A 161 -16.38 1.02 18.20
C ASP A 161 -16.27 0.66 16.72
N ILE A 162 -15.24 1.16 16.02
CA ILE A 162 -15.11 0.87 14.60
C ILE A 162 -14.83 -0.61 14.35
N THR A 163 -14.36 -1.35 15.37
CA THR A 163 -14.19 -2.78 15.21
C THR A 163 -15.52 -3.49 14.99
N LYS A 164 -16.63 -2.86 15.39
CA LYS A 164 -17.96 -3.37 15.07
C LYS A 164 -18.35 -3.13 13.62
N CYS A 165 -17.55 -2.40 12.87
CA CYS A 165 -17.82 -2.15 11.45
C CYS A 165 -17.42 -3.32 10.56
N VAL A 166 -16.87 -4.38 11.13
CA VAL A 166 -16.56 -5.61 10.40
C VAL A 166 -16.73 -6.76 11.38
N VAL A 167 -16.52 -7.99 10.93
CA VAL A 167 -16.15 -9.05 11.86
C VAL A 167 -15.17 -9.95 11.15
N PRO B 9 20.66 -20.15 7.44
CA PRO B 9 19.30 -20.41 6.96
C PRO B 9 19.25 -21.51 5.90
N THR B 10 18.23 -22.36 5.97
CA THR B 10 18.14 -23.48 5.04
C THR B 10 17.53 -23.04 3.72
N ASP B 11 17.69 -23.89 2.70
CA ASP B 11 17.06 -23.63 1.41
C ASP B 11 15.54 -23.63 1.57
N LYS B 12 15.00 -24.55 2.36
CA LYS B 12 13.56 -24.61 2.59
C LYS B 12 13.07 -23.30 3.22
N GLU B 13 13.82 -22.79 4.19
CA GLU B 13 13.43 -21.55 4.86
C GLU B 13 13.54 -20.35 3.93
N LEU B 14 14.57 -20.32 3.08
CA LEU B 14 14.72 -19.23 2.14
C LEU B 14 13.61 -19.23 1.10
N VAL B 15 13.18 -20.41 0.66
CA VAL B 15 12.13 -20.49 -0.35
C VAL B 15 10.77 -20.12 0.25
N SER B 16 10.49 -20.57 1.46
CA SER B 16 9.19 -20.24 2.04
C SER B 16 9.12 -18.77 2.44
N GLN B 17 10.24 -18.18 2.88
CA GLN B 17 10.26 -16.75 3.14
C GLN B 17 10.05 -15.98 1.83
N ALA B 18 10.73 -16.42 0.77
CA ALA B 18 10.61 -15.76 -0.52
C ALA B 18 9.16 -15.72 -1.00
N LYS B 19 8.42 -16.83 -0.83
CA LYS B 19 7.02 -16.84 -1.24
C LYS B 19 6.17 -15.94 -0.34
N ALA B 20 6.43 -15.97 0.98
CA ALA B 20 5.74 -15.06 1.88
C ALA B 20 5.94 -13.61 1.45
N LEU B 21 7.19 -13.23 1.13
CA LEU B 21 7.48 -11.88 0.64
C LEU B 21 6.79 -11.59 -0.68
N CYS B 22 6.77 -12.57 -1.60
CA CYS B 22 6.07 -12.37 -2.88
C CYS B 22 4.58 -12.08 -2.67
N ARG B 23 3.94 -12.79 -1.74
CA ARG B 23 2.52 -12.56 -1.49
C ARG B 23 2.28 -11.13 -1.00
N ASP B 24 3.05 -10.70 0.00
CA ASP B 24 2.97 -9.33 0.50
C ASP B 24 3.21 -8.33 -0.63
N TYR B 25 4.30 -8.52 -1.40
CA TYR B 25 4.61 -7.62 -2.50
C TYR B 25 3.45 -7.51 -3.49
N ILE B 26 3.00 -8.66 -4.01
CA ILE B 26 1.89 -8.68 -4.96
C ILE B 26 0.64 -8.02 -4.37
N ASN B 27 0.28 -8.39 -3.13
CA ASN B 27 -0.93 -7.85 -2.54
C ASN B 27 -0.87 -6.33 -2.45
N SER B 28 0.29 -5.78 -2.11
CA SER B 28 0.41 -4.33 -2.07
C SER B 28 0.21 -3.73 -3.46
N ARG B 29 0.84 -4.33 -4.47
CA ARG B 29 0.73 -3.81 -5.82
C ARG B 29 -0.67 -4.00 -6.41
N LEU B 30 -1.38 -5.06 -6.03
CA LEU B 30 -2.76 -5.21 -6.47
C LEU B 30 -3.66 -4.10 -5.92
N ILE B 31 -3.45 -3.72 -4.66
CA ILE B 31 -4.27 -2.65 -4.08
C ILE B 31 -3.99 -1.35 -4.78
N ARG B 32 -2.71 -1.06 -5.03
CA ARG B 32 -2.38 0.17 -5.72
C ARG B 32 -3.03 0.21 -7.10
N ALA B 33 -3.09 -0.96 -7.76
CA ALA B 33 -3.74 -1.02 -9.07
C ALA B 33 -5.26 -0.92 -8.97
N GLY B 34 -5.82 -0.97 -7.77
CA GLY B 34 -7.26 -0.82 -7.61
C GLY B 34 -8.07 -2.08 -7.83
N VAL B 35 -7.44 -3.24 -7.77
CA VAL B 35 -8.13 -4.51 -7.96
C VAL B 35 -8.08 -5.37 -6.72
N SER B 36 -7.73 -4.79 -5.57
CA SER B 36 -7.85 -5.48 -4.29
C SER B 36 -7.98 -4.42 -3.21
N TRP B 37 -8.10 -4.86 -1.97
CA TRP B 37 -8.15 -3.94 -0.84
C TRP B 37 -7.37 -4.57 0.30
N SER B 38 -6.94 -3.75 1.26
CA SER B 38 -6.24 -4.30 2.41
C SER B 38 -7.17 -5.16 3.25
N LYS B 39 -6.66 -6.31 3.66
CA LYS B 39 -7.44 -7.23 4.46
C LYS B 39 -6.49 -8.24 5.09
N PRO B 40 -6.91 -8.90 6.17
CA PRO B 40 -6.07 -9.94 6.77
C PRO B 40 -5.70 -10.99 5.74
N GLU B 41 -4.41 -11.18 5.54
CA GLU B 41 -3.91 -12.14 4.58
C GLU B 41 -3.31 -13.34 5.31
N HIS B 42 -3.26 -14.47 4.61
CA HIS B 42 -2.63 -15.67 5.11
C HIS B 42 -1.32 -15.92 4.38
N ASN B 43 -0.39 -16.58 5.06
CA ASN B 43 0.88 -16.96 4.48
C ASN B 43 1.73 -15.74 4.12
N THR B 44 1.55 -14.63 4.83
CA THR B 44 2.38 -13.43 4.73
C THR B 44 3.21 -13.25 6.00
N PRO B 45 4.21 -12.38 5.97
CA PRO B 45 5.05 -12.19 7.17
C PRO B 45 4.25 -11.57 8.31
N VAL B 46 4.62 -11.96 9.53
CA VAL B 46 3.90 -11.50 10.73
C VAL B 46 4.22 -10.03 10.97
N PRO B 47 3.23 -9.17 11.15
CA PRO B 47 3.52 -7.75 11.43
C PRO B 47 4.45 -7.60 12.62
N GLY B 48 5.33 -6.60 12.53
CA GLY B 48 6.27 -6.27 13.59
C GLY B 48 7.58 -7.02 13.53
N GLY B 49 7.61 -8.20 12.92
CA GLY B 49 8.77 -9.05 12.93
C GLY B 49 9.84 -8.65 11.94
N LYS B 50 10.85 -9.51 11.83
CA LYS B 50 11.99 -9.23 10.97
C LYS B 50 11.66 -9.38 9.49
N LEU B 51 10.91 -10.42 9.12
CA LEU B 51 10.53 -10.59 7.73
C LEU B 51 9.62 -9.45 7.27
N ALA B 52 8.87 -8.85 8.19
CA ALA B 52 8.01 -7.72 7.84
C ALA B 52 8.85 -6.50 7.48
N GLU B 53 9.98 -6.29 8.17
CA GLU B 53 10.86 -5.20 7.77
C GLU B 53 11.41 -5.44 6.37
N VAL B 54 11.78 -6.69 6.06
CA VAL B 54 12.30 -7.01 4.74
C VAL B 54 11.24 -6.78 3.66
N SER B 55 9.99 -7.13 3.96
CA SER B 55 8.93 -6.91 2.98
C SER B 55 8.80 -5.43 2.65
N ALA B 56 8.85 -4.58 3.68
CA ALA B 56 8.73 -3.14 3.46
C ALA B 56 9.89 -2.61 2.64
N ILE B 57 11.09 -3.12 2.89
CA ILE B 57 12.26 -2.73 2.12
C ILE B 57 12.10 -3.13 0.66
N LEU B 58 11.69 -4.39 0.41
CA LEU B 58 11.45 -4.84 -0.95
C LEU B 58 10.50 -3.91 -1.69
N LEU B 59 9.37 -3.57 -1.07
CA LEU B 59 8.38 -2.71 -1.73
C LEU B 59 8.92 -1.31 -2.00
N ARG B 60 9.70 -0.76 -1.06
CA ARG B 60 10.30 0.57 -1.26
C ARG B 60 11.36 0.54 -2.37
N LEU B 61 12.22 -0.46 -2.37
CA LEU B 61 13.22 -0.57 -3.44
C LEU B 61 12.57 -0.84 -4.79
N GLY B 62 11.47 -1.61 -4.82
CA GLY B 62 10.78 -1.83 -6.07
C GLY B 62 10.33 -0.53 -6.73
N ASP B 63 9.93 0.46 -5.92
CA ASP B 63 9.54 1.76 -6.45
C ASP B 63 10.71 2.66 -6.79
N GLU B 64 11.95 2.23 -6.55
CA GLU B 64 13.15 2.97 -6.95
C GLU B 64 13.77 2.41 -8.22
N LEU B 65 13.27 1.29 -8.72
CA LEU B 65 13.84 0.67 -9.90
C LEU B 65 13.75 1.60 -11.10
N GLU B 66 12.66 2.36 -11.19
CA GLU B 66 12.50 3.30 -12.29
C GLU B 66 13.51 4.44 -12.22
N TYR B 67 14.10 4.66 -11.05
CA TYR B 67 15.17 5.66 -10.89
C TYR B 67 16.57 5.09 -11.16
N ILE B 68 16.74 3.77 -11.12
CA ILE B 68 18.07 3.17 -11.30
C ILE B 68 18.39 2.97 -12.78
N ARG B 69 17.44 2.42 -13.54
CA ARG B 69 17.55 2.32 -14.99
C ARG B 69 16.18 2.61 -15.58
N PRO B 70 15.85 3.89 -15.77
CA PRO B 70 14.49 4.24 -16.21
C PRO B 70 14.09 3.61 -17.54
N ASN B 71 15.01 3.57 -18.51
CA ASN B 71 14.67 3.02 -19.82
C ASN B 71 14.44 1.52 -19.75
N VAL B 72 15.31 0.79 -19.05
CA VAL B 72 15.14 -0.65 -18.91
C VAL B 72 13.86 -0.97 -18.15
N TYR B 73 13.61 -0.24 -17.05
CA TYR B 73 12.41 -0.47 -16.28
C TYR B 73 11.17 -0.45 -17.16
N ARG B 74 11.01 0.61 -17.96
CA ARG B 74 9.84 0.73 -18.81
C ARG B 74 9.86 -0.25 -19.98
N ASN B 75 11.04 -0.74 -20.36
CA ASN B 75 11.10 -1.79 -21.37
C ASN B 75 10.56 -3.11 -20.82
N ILE B 76 10.92 -3.44 -19.57
CA ILE B 76 10.47 -4.68 -18.97
C ILE B 76 8.99 -4.59 -18.58
N ALA B 77 8.56 -3.42 -18.08
CA ALA B 77 7.17 -3.26 -17.68
C ALA B 77 6.22 -3.42 -18.86
N ARG B 78 6.67 -3.06 -20.06
CA ARG B 78 5.83 -3.24 -21.25
C ARG B 78 5.71 -4.71 -21.66
N GLN B 79 6.69 -5.54 -21.30
CA GLN B 79 6.63 -6.96 -21.62
C GLN B 79 5.64 -7.72 -20.75
N LEU B 80 5.19 -7.13 -19.64
CA LEU B 80 4.31 -7.80 -18.70
C LEU B 80 2.84 -7.55 -18.99
N ASN B 81 2.51 -6.81 -20.05
CA ASN B 81 1.11 -6.58 -20.43
C ASN B 81 0.77 -7.42 -21.66
N ILE B 82 0.70 -8.73 -21.44
CA ILE B 82 0.47 -9.68 -22.51
C ILE B 82 -0.84 -10.40 -22.26
N SER B 83 -1.35 -11.03 -23.33
CA SER B 83 -2.55 -11.85 -23.25
C SER B 83 -2.19 -13.25 -22.79
N LEU B 84 -3.05 -13.83 -21.96
CA LEU B 84 -2.74 -15.06 -21.24
C LEU B 84 -3.77 -16.12 -21.62
N HIS B 85 -3.50 -16.84 -22.70
CA HIS B 85 -4.37 -17.91 -23.17
C HIS B 85 -4.02 -19.26 -22.55
N SER B 86 -3.21 -19.27 -21.49
CA SER B 86 -2.86 -20.50 -20.80
C SER B 86 -2.03 -20.17 -19.56
N GLU B 87 -2.23 -20.92 -18.48
CA GLU B 87 -1.41 -20.71 -17.28
C GLU B 87 0.07 -20.85 -17.58
N THR B 88 0.43 -21.69 -18.55
CA THR B 88 1.84 -21.84 -18.92
C THR B 88 2.41 -20.52 -19.44
N VAL B 89 1.57 -19.68 -20.07
CA VAL B 89 2.06 -18.42 -20.63
C VAL B 89 2.70 -17.56 -19.55
N VAL B 90 2.11 -17.54 -18.34
CA VAL B 90 2.62 -16.64 -17.32
C VAL B 90 3.98 -17.11 -16.80
N THR B 91 4.16 -18.43 -16.63
CA THR B 91 5.47 -18.93 -16.22
C THR B 91 6.49 -18.73 -17.34
N ASP B 92 6.07 -18.90 -18.60
CA ASP B 92 6.98 -18.68 -19.71
C ASP B 92 7.37 -17.22 -19.80
N ALA B 93 6.42 -16.31 -19.56
CA ALA B 93 6.74 -14.91 -19.44
C ALA B 93 7.69 -14.66 -18.27
N PHE B 94 7.38 -15.24 -17.12
CA PHE B 94 8.20 -14.99 -15.94
C PHE B 94 9.65 -15.40 -16.19
N LEU B 95 9.86 -16.64 -16.65
CA LEU B 95 11.22 -17.15 -16.85
C LEU B 95 11.95 -16.37 -17.93
N ALA B 96 11.24 -15.97 -18.99
CA ALA B 96 11.92 -15.29 -20.09
C ALA B 96 12.41 -13.92 -19.64
N VAL B 97 11.63 -13.22 -18.83
CA VAL B 97 12.05 -11.93 -18.28
C VAL B 97 13.20 -12.11 -17.30
N ALA B 98 13.07 -13.08 -16.38
CA ALA B 98 14.15 -13.33 -15.43
C ALA B 98 15.47 -13.60 -16.12
N ALA B 99 15.45 -14.33 -17.24
CA ALA B 99 16.69 -14.58 -17.97
C ALA B 99 17.33 -13.27 -18.44
N GLN B 100 16.51 -12.24 -18.70
CA GLN B 100 17.04 -10.94 -19.10
C GLN B 100 17.56 -10.13 -17.91
N ILE B 101 17.04 -10.40 -16.71
CA ILE B 101 17.50 -9.67 -15.52
C ILE B 101 18.84 -10.22 -15.04
N PHE B 102 18.95 -11.55 -14.96
CA PHE B 102 20.16 -12.17 -14.42
C PHE B 102 21.06 -12.59 -15.58
N THR B 103 21.72 -11.59 -16.19
CA THR B 103 22.64 -11.86 -17.31
C THR B 103 24.11 -11.98 -16.90
N ALA B 104 24.51 -11.34 -15.80
CA ALA B 104 25.90 -11.41 -15.40
C ALA B 104 25.98 -11.29 -13.88
N GLY B 105 25.34 -12.23 -13.19
CA GLY B 105 25.42 -12.32 -11.75
C GLY B 105 24.15 -11.83 -11.08
N ILE B 106 24.14 -11.99 -9.75
CA ILE B 106 23.02 -11.61 -8.90
C ILE B 106 23.43 -10.41 -8.05
N THR B 107 22.51 -9.44 -7.92
CA THR B 107 22.60 -8.31 -7.01
C THR B 107 21.27 -8.16 -6.29
N TRP B 108 21.27 -7.38 -5.22
CA TRP B 108 20.01 -7.10 -4.53
C TRP B 108 19.03 -6.37 -5.45
N GLY B 109 19.54 -5.44 -6.27
CA GLY B 109 18.66 -4.74 -7.19
C GLY B 109 18.00 -5.67 -8.20
N LYS B 110 18.72 -6.69 -8.64
CA LYS B 110 18.10 -7.62 -9.59
C LYS B 110 17.09 -8.52 -8.91
N VAL B 111 17.35 -8.92 -7.67
CA VAL B 111 16.34 -9.68 -6.94
C VAL B 111 15.06 -8.87 -6.79
N VAL B 112 15.19 -7.58 -6.47
CA VAL B 112 14.03 -6.68 -6.33
C VAL B 112 13.26 -6.61 -7.64
N SER B 113 13.98 -6.54 -8.77
CA SER B 113 13.35 -6.55 -10.08
C SER B 113 12.53 -7.81 -10.32
N LEU B 114 12.95 -8.94 -9.73
CA LEU B 114 12.21 -10.19 -9.89
C LEU B 114 10.84 -10.11 -9.24
N TYR B 115 10.75 -9.51 -8.05
CA TYR B 115 9.46 -9.24 -7.42
C TYR B 115 8.63 -8.27 -8.24
N ALA B 116 9.25 -7.23 -8.75
CA ALA B 116 8.51 -6.27 -9.58
C ALA B 116 7.90 -6.96 -10.80
N VAL B 117 8.65 -7.86 -11.42
CA VAL B 117 8.10 -8.64 -12.54
C VAL B 117 6.94 -9.51 -12.07
N ALA B 118 7.11 -10.21 -10.95
CA ALA B 118 6.03 -11.08 -10.46
C ALA B 118 4.77 -10.27 -10.19
N ALA B 119 4.90 -9.11 -9.55
CA ALA B 119 3.73 -8.30 -9.28
C ALA B 119 3.14 -7.73 -10.57
N GLY B 120 4.00 -7.34 -11.52
CA GLY B 120 3.50 -6.88 -12.82
C GLY B 120 2.68 -7.96 -13.53
N LEU B 121 3.17 -9.20 -13.52
CA LEU B 121 2.41 -10.28 -14.13
C LEU B 121 1.11 -10.51 -13.35
N ALA B 122 1.19 -10.47 -12.03
CA ALA B 122 0.00 -10.70 -11.21
C ALA B 122 -1.07 -9.68 -11.51
N VAL B 123 -0.71 -8.40 -11.62
CA VAL B 123 -1.72 -7.38 -11.92
C VAL B 123 -2.33 -7.66 -13.29
N ASP B 124 -1.51 -8.10 -14.24
CA ASP B 124 -2.03 -8.43 -15.56
C ASP B 124 -2.97 -9.64 -15.53
N CYS B 125 -2.65 -10.65 -14.70
CA CYS B 125 -3.56 -11.79 -14.58
C CYS B 125 -4.88 -11.38 -13.98
N VAL B 126 -4.86 -10.58 -12.92
CA VAL B 126 -6.12 -10.19 -12.31
C VAL B 126 -6.96 -9.40 -13.29
N ARG B 127 -6.31 -8.52 -14.05
CA ARG B 127 -6.99 -7.65 -15.01
C ARG B 127 -7.58 -8.42 -16.19
N HIS B 128 -7.02 -9.59 -16.54
CA HIS B 128 -7.57 -10.45 -17.57
C HIS B 128 -8.45 -11.56 -17.00
N ALA B 129 -8.93 -11.40 -15.76
CA ALA B 129 -9.84 -12.37 -15.15
C ALA B 129 -9.22 -13.77 -15.13
N GLN B 130 -7.94 -13.83 -14.77
CA GLN B 130 -7.19 -15.07 -14.56
C GLN B 130 -6.62 -15.11 -13.15
N PRO B 131 -7.48 -14.99 -12.13
CA PRO B 131 -6.97 -14.87 -10.75
C PRO B 131 -6.21 -16.08 -10.24
N ALA B 132 -6.53 -17.29 -10.71
CA ALA B 132 -5.81 -18.47 -10.22
C ALA B 132 -4.33 -18.38 -10.53
N MET B 133 -3.96 -17.69 -11.60
CA MET B 133 -2.56 -17.63 -11.98
C MET B 133 -1.71 -16.81 -11.01
N VAL B 134 -2.32 -16.08 -10.07
CA VAL B 134 -1.51 -15.38 -9.08
C VAL B 134 -0.77 -16.38 -8.21
N HIS B 135 -1.47 -17.42 -7.79
CA HIS B 135 -0.82 -18.50 -7.04
C HIS B 135 0.30 -19.14 -7.84
N THR B 136 0.14 -19.25 -9.15
CA THR B 136 1.18 -19.81 -10.01
C THR B 136 2.42 -18.94 -9.98
N ILE B 137 2.24 -17.63 -10.06
CA ILE B 137 3.39 -16.72 -10.05
C ILE B 137 4.19 -16.89 -8.77
N VAL B 138 3.50 -16.95 -7.63
CA VAL B 138 4.18 -17.10 -6.33
C VAL B 138 4.99 -18.38 -6.31
N ASP B 139 4.39 -19.50 -6.73
CA ASP B 139 5.16 -20.75 -6.81
C ASP B 139 6.33 -20.64 -7.80
N CYS B 140 6.13 -19.97 -8.92
CA CYS B 140 7.21 -19.83 -9.89
C CYS B 140 8.38 -19.05 -9.30
N LEU B 141 8.10 -17.89 -8.69
CA LEU B 141 9.17 -17.16 -8.03
C LEU B 141 9.86 -18.01 -6.97
N GLY B 142 9.08 -18.73 -6.16
CA GLY B 142 9.67 -19.64 -5.19
C GLY B 142 10.61 -20.66 -5.82
N GLU B 143 10.22 -21.25 -6.95
CA GLU B 143 11.09 -22.24 -7.60
C GLU B 143 12.29 -21.57 -8.26
N PHE B 144 12.14 -20.34 -8.75
CA PHE B 144 13.30 -19.61 -9.25
C PHE B 144 14.32 -19.37 -8.14
N VAL B 145 13.83 -18.98 -6.95
CA VAL B 145 14.72 -18.78 -5.80
C VAL B 145 15.44 -20.10 -5.47
N ARG B 146 14.68 -21.19 -5.34
CA ARG B 146 15.30 -22.47 -5.00
C ARG B 146 16.39 -22.84 -6.00
N LYS B 147 16.12 -22.69 -7.30
CA LYS B 147 17.05 -23.19 -8.30
C LYS B 147 18.21 -22.24 -8.55
N THR B 148 18.11 -20.97 -8.17
CA THR B 148 19.01 -19.97 -8.72
C THR B 148 19.61 -19.03 -7.68
N LEU B 149 18.90 -18.76 -6.59
CA LEU B 149 19.28 -17.68 -5.69
C LEU B 149 19.70 -18.14 -4.30
N VAL B 150 19.39 -19.37 -3.90
CA VAL B 150 19.62 -19.77 -2.52
C VAL B 150 21.12 -19.79 -2.20
N THR B 151 21.95 -20.26 -3.14
CA THR B 151 23.38 -20.21 -2.92
C THR B 151 23.83 -18.78 -2.65
N TRP B 152 23.38 -17.83 -3.47
CA TRP B 152 23.75 -16.43 -3.28
C TRP B 152 23.17 -15.88 -1.98
N LEU B 153 21.94 -16.27 -1.64
CA LEU B 153 21.30 -15.77 -0.43
C LEU B 153 22.04 -16.22 0.83
N LYS B 154 22.41 -17.50 0.92
CA LYS B 154 23.13 -18.00 2.09
C LYS B 154 24.42 -17.23 2.32
N ARG B 155 25.16 -16.93 1.25
CA ARG B 155 26.40 -16.18 1.38
C ARG B 155 26.14 -14.80 1.97
N ARG B 156 25.03 -14.16 1.57
CA ARG B 156 24.65 -12.85 2.09
C ARG B 156 24.06 -12.93 3.50
N GLY B 157 23.79 -14.12 4.02
CA GLY B 157 23.12 -14.25 5.30
C GLY B 157 21.62 -14.32 5.25
N GLY B 158 21.03 -14.55 4.08
CA GLY B 158 19.59 -14.64 3.96
C GLY B 158 18.93 -13.30 3.66
N TRP B 159 17.59 -13.31 3.74
CA TRP B 159 16.82 -12.13 3.35
C TRP B 159 17.11 -10.91 4.21
N ALA B 160 17.57 -11.10 5.45
CA ALA B 160 17.80 -9.96 6.34
C ALA B 160 18.90 -9.04 5.83
N ASP B 161 19.78 -9.53 4.96
CA ASP B 161 20.87 -8.71 4.45
C ASP B 161 20.36 -7.55 3.61
N ILE B 162 19.12 -7.63 3.11
CA ILE B 162 18.56 -6.55 2.30
C ILE B 162 18.45 -5.24 3.10
N THR B 163 18.39 -5.31 4.44
CA THR B 163 18.29 -4.09 5.23
C THR B 163 19.52 -3.19 5.08
N LYS B 164 20.63 -3.74 4.62
CA LYS B 164 21.80 -2.95 4.29
C LYS B 164 21.67 -2.25 2.94
N CYS B 165 20.55 -2.44 2.23
CA CYS B 165 20.34 -1.81 0.93
C CYS B 165 19.65 -0.46 1.00
N VAL B 166 19.33 0.02 2.20
CA VAL B 166 18.61 1.27 2.35
C VAL B 166 19.32 2.09 3.42
N VAL B 167 19.01 3.39 3.47
CA VAL B 167 19.54 4.25 4.50
C VAL B 167 18.60 4.23 5.71
#